data_6AAN
#
_entry.id   6AAN
#
_cell.length_a   101.484
_cell.length_b   44.072
_cell.length_c   72.474
_cell.angle_alpha   90.00
_cell.angle_beta   118.62
_cell.angle_gamma   90.00
#
_symmetry.space_group_name_H-M   'C 1 2 1'
#
loop_
_entity.id
_entity.type
_entity.pdbx_description
1 polymer 'Pyrrolysine--tRNA ligase'
2 non-polymer 'MAGNESIUM ION'
3 non-polymer "ADENOSINE-5'-TRIPHOSPHATE"
4 non-polymer N6-{[(3-ethynylphenyl)methoxy]carbonyl}-L-lysine
5 non-polymer 'POTASSIUM ION'
6 non-polymer DI(HYDROXYETHYL)ETHER
7 water water
#
_entity_poly.entity_id   1
_entity_poly.type   'polypeptide(L)'
_entity_poly.pdbx_seq_one_letter_code
;GSHMASAPALTKSQTDRLEVLLNPKDEISLNSGKPFRELESELLSRRKKDLQQIYAEERENYLGKLEREITRFFVDRGFL
EIKSPILIPLEYIERMGIDNDTELSKQIFRVDKNFCLRPMLAPNLANYLRKLDRALPDPIKIFEIGPCYRKESDGKEHLE
EFTMLNFCQMGSGCTRENLESIITDFLNHLGIDFKIVGDSCMVFGDTLDVMHGDLELSSAVVGPIPLDREWGIDKPWIGA
GFGLERLLKVKHDFKNIKRAARSGSYYNGISTNL
;
_entity_poly.pdbx_strand_id   A
#
# COMPACT_ATOMS: atom_id res chain seq x y z
N PRO A 8 2.95 35.68 19.72
CA PRO A 8 1.59 35.19 19.48
C PRO A 8 1.54 33.66 19.30
N ALA A 9 0.48 33.03 19.81
CA ALA A 9 0.33 31.57 19.81
C ALA A 9 -0.66 31.11 18.76
N LEU A 10 -0.42 29.92 18.22
CA LEU A 10 -1.26 29.39 17.14
C LEU A 10 -2.42 28.58 17.69
N THR A 11 -3.62 28.79 17.13
CA THR A 11 -4.75 27.92 17.44
C THR A 11 -4.56 26.54 16.83
N LYS A 12 -5.36 25.60 17.32
CA LYS A 12 -5.35 24.27 16.72
C LYS A 12 -5.68 24.33 15.23
N SER A 13 -6.68 25.13 14.84
CA SER A 13 -7.02 25.25 13.43
CA SER A 13 -7.02 25.24 13.43
C SER A 13 -5.86 25.79 12.61
N GLN A 14 -5.13 26.77 13.16
CA GLN A 14 -3.96 27.33 12.47
C GLN A 14 -2.84 26.31 12.35
N THR A 15 -2.52 25.59 13.45
CA THR A 15 -1.50 24.54 13.39
CA THR A 15 -1.46 24.60 13.29
C THR A 15 -1.88 23.47 12.37
N ASP A 16 -3.16 23.09 12.34
CA ASP A 16 -3.57 22.04 11.38
C ASP A 16 -3.35 22.52 9.96
N ARG A 17 -3.73 23.77 9.69
CA ARG A 17 -3.53 24.32 8.34
C ARG A 17 -2.06 24.31 7.96
N LEU A 18 -1.18 24.72 8.87
CA LEU A 18 0.25 24.68 8.57
C LEU A 18 0.74 23.23 8.38
N GLU A 19 0.22 22.30 9.17
CA GLU A 19 0.67 20.92 9.02
C GLU A 19 0.27 20.36 7.65
N VAL A 20 -0.91 20.71 7.17
CA VAL A 20 -1.33 20.31 5.82
C VAL A 20 -0.33 20.77 4.79
N LEU A 21 0.16 22.00 4.92
CA LEU A 21 1.06 22.61 3.94
C LEU A 21 2.53 22.23 4.12
N LEU A 22 2.92 21.68 5.27
CA LEU A 22 4.29 21.31 5.51
C LEU A 22 4.62 20.01 4.80
N ASN A 23 5.83 19.90 4.30
CA ASN A 23 6.27 18.67 3.68
C ASN A 23 7.52 18.18 4.38
N PRO A 24 7.83 16.88 4.30
CA PRO A 24 9.01 16.37 5.02
C PRO A 24 10.28 17.14 4.76
N LYS A 25 10.46 17.67 3.54
CA LYS A 25 11.71 18.34 3.20
C LYS A 25 11.87 19.70 3.88
N ASP A 26 10.80 20.29 4.40
CA ASP A 26 10.91 21.61 5.00
C ASP A 26 11.67 21.54 6.33
N GLU A 27 12.40 22.61 6.62
CA GLU A 27 12.99 22.80 7.94
C GLU A 27 12.41 24.05 8.60
N ILE A 28 11.10 24.04 8.85
CA ILE A 28 10.37 25.19 9.35
C ILE A 28 9.78 24.83 10.72
N SER A 29 9.95 25.73 11.68
CA SER A 29 9.33 25.57 12.99
C SER A 29 8.00 26.32 13.02
N LEU A 30 6.91 25.62 13.36
CA LEU A 30 5.61 26.26 13.42
C LEU A 30 5.48 27.14 14.66
N ASN A 31 6.19 26.80 15.73
CA ASN A 31 6.14 27.51 17.00
C ASN A 31 7.35 28.41 17.22
N SER A 32 7.89 29.00 16.16
CA SER A 32 9.08 29.83 16.27
C SER A 32 8.76 31.29 16.58
N GLY A 33 7.49 31.63 16.77
CA GLY A 33 7.07 32.99 17.07
C GLY A 33 6.66 33.81 15.87
N LYS A 34 7.07 33.42 14.66
CA LYS A 34 6.59 34.08 13.46
C LYS A 34 5.07 33.94 13.39
N PRO A 35 4.35 34.97 12.92
CA PRO A 35 2.89 34.88 12.90
C PRO A 35 2.43 33.87 11.88
N PHE A 36 1.26 33.32 12.17
CA PHE A 36 0.61 32.36 11.26
C PHE A 36 0.65 32.86 9.82
N ARG A 37 0.30 34.14 9.61
CA ARG A 37 0.17 34.65 8.24
C ARG A 37 1.46 34.49 7.45
N GLU A 38 2.62 34.63 8.08
CA GLU A 38 3.86 34.55 7.33
C GLU A 38 4.28 33.09 7.11
N LEU A 39 4.07 32.23 8.11
CA LEU A 39 4.30 30.81 7.92
C LEU A 39 3.38 30.26 6.82
N GLU A 40 2.11 30.68 6.82
CA GLU A 40 1.22 30.18 5.78
C GLU A 40 1.64 30.68 4.41
N SER A 41 2.00 31.95 4.28
CA SER A 41 2.38 32.48 2.98
CA SER A 41 2.38 32.47 2.98
CA SER A 41 2.39 32.48 2.98
C SER A 41 3.65 31.79 2.48
N GLU A 42 4.62 31.59 3.35
CA GLU A 42 5.84 30.88 2.96
C GLU A 42 5.52 29.47 2.48
N LEU A 43 4.67 28.74 3.22
CA LEU A 43 4.42 27.34 2.84
C LEU A 43 3.58 27.25 1.59
N LEU A 44 2.62 28.17 1.41
CA LEU A 44 1.85 28.18 0.16
C LEU A 44 2.76 28.40 -1.02
N SER A 45 3.70 29.35 -0.91
CA SER A 45 4.60 29.60 -2.02
CA SER A 45 4.61 29.59 -2.03
CA SER A 45 4.61 29.59 -2.03
C SER A 45 5.45 28.37 -2.34
N ARG A 46 5.98 27.70 -1.31
CA ARG A 46 6.81 26.52 -1.56
C ARG A 46 6.00 25.42 -2.22
N ARG A 47 4.76 25.20 -1.75
CA ARG A 47 3.96 24.10 -2.29
C ARG A 47 3.49 24.41 -3.71
N LYS A 48 3.15 25.65 -4.01
CA LYS A 48 2.85 26.02 -5.39
C LYS A 48 4.04 25.76 -6.29
N LYS A 49 5.23 26.17 -5.85
N LYS A 49 5.25 26.12 -5.85
CA LYS A 49 6.46 25.90 -6.60
CA LYS A 49 6.44 25.88 -6.69
C LYS A 49 6.61 24.41 -6.84
C LYS A 49 6.73 24.39 -6.82
N ASP A 50 6.41 23.60 -5.80
CA ASP A 50 6.58 22.16 -5.91
C ASP A 50 5.63 21.58 -6.94
N LEU A 51 4.36 22.00 -6.93
CA LEU A 51 3.42 21.47 -7.91
C LEU A 51 3.76 21.97 -9.31
N GLN A 52 4.19 23.23 -9.41
CA GLN A 52 4.63 23.73 -10.70
C GLN A 52 5.78 22.91 -11.26
N GLN A 53 6.72 22.50 -10.41
CA GLN A 53 7.84 21.68 -10.87
C GLN A 53 7.37 20.31 -11.34
N ILE A 54 6.47 19.66 -10.59
CA ILE A 54 5.93 18.38 -11.03
C ILE A 54 5.25 18.54 -12.39
N TYR A 55 4.45 19.58 -12.54
CA TYR A 55 3.69 19.78 -13.77
C TYR A 55 4.62 20.03 -14.94
N ALA A 56 5.69 20.77 -14.71
CA ALA A 56 6.61 21.07 -15.80
C ALA A 56 7.49 19.91 -16.17
N GLU A 57 7.84 19.01 -15.21
CA GLU A 57 8.95 18.08 -15.45
C GLU A 57 8.67 16.59 -15.29
N GLU A 58 7.62 16.17 -14.59
CA GLU A 58 7.48 14.71 -14.45
C GLU A 58 6.07 14.22 -14.77
N ARG A 59 5.10 14.84 -14.10
CA ARG A 59 3.67 14.69 -14.29
C ARG A 59 3.13 13.32 -13.90
N GLU A 60 3.94 12.46 -13.29
CA GLU A 60 3.47 11.11 -12.92
C GLU A 60 3.01 11.10 -11.45
N ASN A 61 1.88 10.44 -11.25
CA ASN A 61 1.30 10.24 -9.92
C ASN A 61 2.16 9.25 -9.14
N TYR A 62 2.38 9.50 -7.84
CA TYR A 62 3.23 8.58 -7.07
C TYR A 62 2.67 7.16 -7.02
N LEU A 63 1.35 7.00 -6.81
CA LEU A 63 0.80 5.66 -6.73
CA LEU A 63 0.78 5.67 -6.73
C LEU A 63 0.88 4.97 -8.09
N GLY A 64 0.55 5.69 -9.16
CA GLY A 64 0.62 5.06 -10.47
C GLY A 64 2.03 4.69 -10.85
N LYS A 65 2.99 5.59 -10.60
CA LYS A 65 4.40 5.31 -10.94
C LYS A 65 4.94 4.13 -10.14
N LEU A 66 4.58 4.01 -8.85
CA LEU A 66 5.04 2.89 -8.07
C LEU A 66 4.39 1.60 -8.56
N GLU A 67 3.11 1.65 -8.92
CA GLU A 67 2.48 0.47 -9.50
C GLU A 67 3.26 0.03 -10.73
N ARG A 68 3.63 0.99 -11.58
CA ARG A 68 4.32 0.60 -12.82
C ARG A 68 5.70 0.01 -12.52
N GLU A 69 6.42 0.61 -11.56
CA GLU A 69 7.72 0.09 -11.19
C GLU A 69 7.64 -1.31 -10.62
N ILE A 70 6.65 -1.56 -9.75
CA ILE A 70 6.44 -2.90 -9.20
C ILE A 70 6.07 -3.89 -10.28
N THR A 71 5.17 -3.48 -11.19
CA THR A 71 4.76 -4.36 -12.29
C THR A 71 5.96 -4.81 -13.11
N ARG A 72 6.86 -3.87 -13.46
CA ARG A 72 8.05 -4.23 -14.22
C ARG A 72 8.91 -5.23 -13.43
N PHE A 73 9.09 -5.00 -12.14
CA PHE A 73 9.91 -5.90 -11.32
C PHE A 73 9.39 -7.33 -11.38
N PHE A 74 8.09 -7.52 -11.18
CA PHE A 74 7.58 -8.88 -11.15
C PHE A 74 7.42 -9.49 -12.55
N VAL A 75 7.00 -8.72 -13.55
CA VAL A 75 6.96 -9.28 -14.90
C VAL A 75 8.35 -9.76 -15.32
N ASP A 76 9.38 -8.97 -15.00
CA ASP A 76 10.73 -9.36 -15.42
C ASP A 76 11.20 -10.61 -14.70
N ARG A 77 10.67 -10.93 -13.53
CA ARG A 77 11.07 -12.12 -12.79
C ARG A 77 10.17 -13.32 -13.07
N GLY A 78 9.33 -13.24 -14.09
CA GLY A 78 8.54 -14.38 -14.51
C GLY A 78 7.15 -14.49 -13.92
N PHE A 79 6.61 -13.42 -13.32
CA PHE A 79 5.27 -13.45 -12.73
C PHE A 79 4.27 -12.86 -13.72
N LEU A 80 3.13 -13.54 -13.86
CA LEU A 80 2.07 -13.10 -14.76
C LEU A 80 1.24 -11.99 -14.10
N GLU A 81 1.01 -10.90 -14.83
CA GLU A 81 0.26 -9.76 -14.28
C GLU A 81 -1.24 -10.01 -14.36
N ILE A 82 -1.91 -9.92 -13.22
CA ILE A 82 -3.34 -10.19 -13.11
C ILE A 82 -4.09 -8.89 -12.83
N LYS A 83 -5.27 -8.71 -13.45
CA LYS A 83 -6.18 -7.64 -13.06
C LYS A 83 -7.55 -8.28 -12.89
N SER A 84 -7.98 -8.43 -11.66
CA SER A 84 -9.17 -9.19 -11.33
C SER A 84 -10.23 -8.24 -10.75
N PRO A 85 -11.47 -8.70 -10.57
CA PRO A 85 -12.50 -7.76 -10.16
C PRO A 85 -12.25 -7.16 -8.76
N ILE A 86 -12.67 -5.91 -8.58
CA ILE A 86 -12.60 -5.25 -7.28
C ILE A 86 -13.90 -5.50 -6.52
N LEU A 87 -15.00 -5.57 -7.26
CA LEU A 87 -16.30 -5.88 -6.72
C LEU A 87 -16.47 -7.40 -6.84
N ILE A 88 -16.53 -8.10 -5.69
CA ILE A 88 -16.47 -9.56 -5.63
C ILE A 88 -17.68 -10.12 -4.89
N PRO A 89 -17.92 -11.44 -5.00
CA PRO A 89 -19.03 -12.04 -4.24
C PRO A 89 -18.75 -12.02 -2.75
N LEU A 90 -19.76 -11.64 -1.98
CA LEU A 90 -19.65 -11.72 -0.54
C LEU A 90 -19.31 -13.15 -0.10
N GLU A 91 -19.74 -14.15 -0.88
CA GLU A 91 -19.45 -15.55 -0.60
C GLU A 91 -17.95 -15.84 -0.47
N TYR A 92 -17.09 -15.02 -1.09
CA TYR A 92 -15.66 -15.28 -0.94
C TYR A 92 -15.24 -15.18 0.53
N ILE A 93 -16.20 -14.94 1.42
CA ILE A 93 -16.14 -15.40 2.82
C ILE A 93 -17.50 -15.94 3.25
N GLU A 94 -17.56 -16.73 4.32
CA GLU A 94 -16.40 -17.07 5.14
C GLU A 94 -15.54 -18.13 4.48
N ARG A 95 -15.62 -18.20 3.15
CA ARG A 95 -14.76 -19.13 2.42
C ARG A 95 -13.28 -18.83 2.65
N MET A 96 -12.95 -17.58 2.93
CA MET A 96 -11.64 -17.19 3.44
C MET A 96 -11.55 -17.30 4.96
N GLY A 97 -12.64 -17.62 5.64
CA GLY A 97 -12.66 -17.70 7.09
C GLY A 97 -13.66 -16.79 7.75
N LEU A 104 -10.85 -7.48 10.50
CA LEU A 104 -11.69 -7.95 9.40
C LEU A 104 -13.11 -8.26 9.89
N SER A 105 -13.93 -8.80 8.99
CA SER A 105 -15.31 -9.18 9.30
C SER A 105 -16.21 -7.95 9.40
N LYS A 106 -15.99 -7.13 10.42
CA LYS A 106 -16.74 -5.90 10.56
C LYS A 106 -16.23 -4.81 9.63
N GLN A 107 -15.13 -5.06 8.93
CA GLN A 107 -14.48 -4.05 8.11
C GLN A 107 -14.90 -4.10 6.65
N ILE A 108 -15.77 -5.00 6.25
CA ILE A 108 -16.10 -5.20 4.85
C ILE A 108 -17.11 -4.15 4.40
N PHE A 109 -16.81 -3.44 3.30
CA PHE A 109 -17.78 -2.56 2.66
C PHE A 109 -18.73 -3.43 1.83
N ARG A 110 -19.98 -3.48 2.20
CA ARG A 110 -20.91 -4.31 1.45
C ARG A 110 -21.56 -3.51 0.33
N VAL A 111 -21.92 -4.22 -0.74
CA VAL A 111 -22.50 -3.62 -1.93
C VAL A 111 -23.74 -4.41 -2.31
N ASP A 112 -24.90 -3.75 -2.26
CA ASP A 112 -26.18 -4.40 -2.52
C ASP A 112 -26.30 -5.57 -1.54
N LYS A 113 -26.66 -6.77 -1.99
CA LYS A 113 -27.00 -7.87 -1.10
C LYS A 113 -25.97 -8.98 -1.08
N ASN A 114 -25.32 -9.26 -2.21
CA ASN A 114 -24.45 -10.42 -2.30
C ASN A 114 -23.02 -10.07 -2.69
N PHE A 115 -22.64 -8.80 -2.64
CA PHE A 115 -21.33 -8.36 -3.11
C PHE A 115 -20.63 -7.53 -2.05
N CYS A 116 -19.31 -7.37 -2.23
CA CYS A 116 -18.59 -6.44 -1.40
C CYS A 116 -17.41 -5.92 -2.19
N LEU A 117 -16.81 -4.86 -1.67
CA LEU A 117 -15.51 -4.41 -2.17
C LEU A 117 -14.46 -5.35 -1.58
N ARG A 118 -13.58 -5.86 -2.42
CA ARG A 118 -12.60 -6.82 -1.92
C ARG A 118 -11.74 -6.18 -0.83
N PRO A 119 -11.57 -6.85 0.32
CA PRO A 119 -10.64 -6.38 1.34
C PRO A 119 -9.21 -6.83 1.13
N MET A 120 -8.99 -7.76 0.19
CA MET A 120 -7.69 -8.36 -0.06
C MET A 120 -7.71 -8.97 -1.45
N LEU A 121 -6.52 -9.26 -1.98
CA LEU A 121 -6.42 -9.85 -3.31
C LEU A 121 -6.43 -11.37 -3.29
N ALA A 122 -6.25 -11.99 -2.11
CA ALA A 122 -5.97 -13.43 -2.10
C ALA A 122 -7.04 -14.30 -2.76
N PRO A 123 -8.34 -14.13 -2.53
CA PRO A 123 -9.30 -15.06 -3.15
C PRO A 123 -9.23 -15.11 -4.66
N ASN A 124 -9.18 -13.94 -5.33
CA ASN A 124 -9.08 -13.96 -6.79
C ASN A 124 -7.77 -14.62 -7.26
N LEU A 125 -6.67 -14.37 -6.52
CA LEU A 125 -5.40 -14.97 -6.90
C LEU A 125 -5.40 -16.48 -6.67
N ALA A 126 -6.05 -16.94 -5.58
CA ALA A 126 -6.22 -18.38 -5.39
C ALA A 126 -6.97 -19.00 -6.55
N ASN A 127 -8.04 -18.34 -7.01
CA ASN A 127 -8.75 -18.88 -8.17
C ASN A 127 -7.85 -18.95 -9.40
N TYR A 128 -7.05 -17.90 -9.63
CA TYR A 128 -6.15 -17.93 -10.77
C TYR A 128 -5.09 -19.01 -10.65
N LEU A 129 -4.51 -19.20 -9.46
CA LEU A 129 -3.52 -20.27 -9.32
C LEU A 129 -4.12 -21.61 -9.70
N ARG A 130 -5.31 -21.90 -9.17
CA ARG A 130 -5.96 -23.19 -9.49
C ARG A 130 -6.18 -23.33 -10.99
N LYS A 131 -6.72 -22.28 -11.62
CA LYS A 131 -7.05 -22.39 -13.03
C LYS A 131 -5.81 -22.49 -13.88
N LEU A 132 -4.82 -21.64 -13.62
CA LEU A 132 -3.63 -21.61 -14.46
C LEU A 132 -2.80 -22.89 -14.34
N ASP A 133 -2.85 -23.57 -13.19
CA ASP A 133 -2.07 -24.79 -13.04
C ASP A 133 -2.51 -25.88 -14.02
N ARG A 134 -3.70 -25.74 -14.60
CA ARG A 134 -4.14 -26.70 -15.62
C ARG A 134 -3.52 -26.44 -16.97
N ALA A 135 -2.87 -25.29 -17.17
CA ALA A 135 -2.44 -24.85 -18.48
C ALA A 135 -0.95 -24.53 -18.53
N LEU A 136 -0.39 -24.06 -17.40
CA LEU A 136 0.95 -23.51 -17.43
C LEU A 136 1.95 -24.45 -16.77
N PRO A 137 3.23 -24.34 -17.16
CA PRO A 137 4.27 -25.18 -16.55
C PRO A 137 4.58 -24.74 -15.13
N ASP A 138 5.01 -25.70 -14.33
CA ASP A 138 5.49 -25.45 -12.98
C ASP A 138 6.80 -24.67 -13.00
N PRO A 139 6.93 -23.67 -12.11
CA PRO A 139 5.93 -23.21 -11.13
C PRO A 139 5.02 -22.12 -11.69
N ILE A 140 3.85 -21.99 -11.10
CA ILE A 140 2.92 -20.91 -11.46
C ILE A 140 3.28 -19.69 -10.62
N LYS A 141 3.56 -18.57 -11.28
CA LYS A 141 3.96 -17.32 -10.61
C LYS A 141 3.04 -16.21 -11.12
N ILE A 142 2.33 -15.54 -10.22
CA ILE A 142 1.40 -14.49 -10.62
C ILE A 142 1.44 -13.36 -9.60
N PHE A 143 0.96 -12.18 -10.00
CA PHE A 143 0.81 -11.09 -9.03
C PHE A 143 -0.31 -10.17 -9.47
N GLU A 144 -0.80 -9.37 -8.53
CA GLU A 144 -1.77 -8.32 -8.86
C GLU A 144 -1.48 -7.09 -8.01
N ILE A 145 -1.75 -5.92 -8.56
CA ILE A 145 -1.73 -4.65 -7.83
C ILE A 145 -3.08 -3.99 -8.04
N GLY A 146 -3.73 -3.56 -6.97
CA GLY A 146 -4.91 -2.76 -7.15
C GLY A 146 -5.61 -2.41 -5.85
N PRO A 147 -6.71 -1.71 -5.98
CA PRO A 147 -7.42 -1.18 -4.79
C PRO A 147 -8.05 -2.30 -3.97
N CYS A 148 -8.00 -2.11 -2.65
CA CYS A 148 -8.70 -2.95 -1.66
C CYS A 148 -9.31 -2.02 -0.62
N TYR A 149 -10.27 -2.55 0.15
CA TYR A 149 -11.13 -1.70 0.98
C TYR A 149 -11.39 -2.36 2.33
N ARG A 150 -11.22 -1.58 3.39
CA ARG A 150 -11.53 -2.04 4.75
C ARG A 150 -12.01 -0.86 5.56
N LYS A 151 -13.03 -1.09 6.41
CA LYS A 151 -13.48 -0.02 7.28
C LYS A 151 -12.51 0.20 8.44
N GLU A 152 -11.52 1.07 8.22
CA GLU A 152 -10.56 1.48 9.22
C GLU A 152 -9.72 2.63 8.66
N SER A 153 -9.65 3.74 9.39
CA SER A 153 -8.72 4.82 9.08
C SER A 153 -7.75 5.07 10.20
N ASP A 154 -8.24 5.21 11.43
CA ASP A 154 -7.42 5.12 12.63
C ASP A 154 -6.03 5.73 12.45
N GLY A 155 -5.98 6.91 11.82
CA GLY A 155 -4.81 7.76 11.93
C GLY A 155 -3.79 7.68 10.81
N LYS A 156 -2.59 7.20 11.16
CA LYS A 156 -1.40 7.43 10.34
C LYS A 156 -0.94 6.21 9.55
N GLU A 157 -1.52 5.02 9.76
CA GLU A 157 -1.09 3.83 9.03
C GLU A 157 -2.20 3.06 8.32
N HIS A 158 -3.47 3.38 8.56
CA HIS A 158 -4.55 2.67 7.90
C HIS A 158 -5.39 3.63 7.07
N LEU A 159 -5.74 3.16 5.88
CA LEU A 159 -6.67 3.83 4.98
C LEU A 159 -7.87 2.93 4.74
N GLU A 160 -9.03 3.53 4.42
CA GLU A 160 -10.18 2.71 4.04
C GLU A 160 -10.09 2.20 2.60
N GLU A 161 -9.45 3.00 1.73
CA GLU A 161 -9.21 2.66 0.35
C GLU A 161 -7.70 2.68 0.17
N PHE A 162 -7.11 1.51 -0.06
CA PHE A 162 -5.67 1.42 -0.16
C PHE A 162 -5.34 0.54 -1.37
N THR A 163 -4.05 0.39 -1.65
CA THR A 163 -3.61 -0.31 -2.85
C THR A 163 -2.70 -1.46 -2.42
N MET A 164 -3.07 -2.66 -2.83
N MET A 164 -3.07 -2.68 -2.80
CA MET A 164 -2.32 -3.85 -2.49
CA MET A 164 -2.32 -3.87 -2.41
C MET A 164 -1.49 -4.33 -3.67
C MET A 164 -1.56 -4.44 -3.61
N LEU A 165 -0.29 -4.84 -3.37
CA LEU A 165 0.44 -5.78 -4.21
C LEU A 165 0.34 -7.15 -3.53
N ASN A 166 -0.05 -8.18 -4.28
CA ASN A 166 0.09 -9.56 -3.80
C ASN A 166 0.79 -10.34 -4.89
N PHE A 167 1.91 -10.98 -4.55
CA PHE A 167 2.49 -11.91 -5.48
C PHE A 167 2.48 -13.29 -4.87
N CYS A 168 2.48 -14.31 -5.73
CA CYS A 168 2.43 -15.65 -5.17
C CYS A 168 2.95 -16.63 -6.19
N GLN A 169 3.28 -17.83 -5.71
CA GLN A 169 3.88 -18.86 -6.54
C GLN A 169 3.36 -20.19 -6.01
N MET A 170 3.11 -21.12 -6.93
CA MET A 170 2.58 -22.44 -6.55
C MET A 170 3.31 -23.50 -7.36
N GLY A 171 3.77 -24.53 -6.64
CA GLY A 171 4.50 -25.62 -7.27
C GLY A 171 5.87 -25.78 -6.63
N SER A 172 6.87 -25.93 -7.48
CA SER A 172 8.24 -26.03 -6.99
C SER A 172 8.69 -24.66 -6.49
N GLY A 173 9.76 -24.67 -5.70
CA GLY A 173 10.35 -23.44 -5.23
C GLY A 173 9.56 -22.71 -4.17
N CYS A 174 8.58 -23.34 -3.55
CA CYS A 174 7.69 -22.66 -2.60
C CYS A 174 8.15 -22.91 -1.16
N THR A 175 9.35 -22.39 -0.87
CA THR A 175 10.01 -22.54 0.43
C THR A 175 10.08 -21.20 1.14
N ARG A 176 10.24 -21.26 2.46
CA ARG A 176 10.42 -20.03 3.22
C ARG A 176 11.62 -19.24 2.71
N GLU A 177 12.71 -19.92 2.36
CA GLU A 177 13.91 -19.19 1.96
C GLU A 177 13.70 -18.50 0.62
N ASN A 178 12.97 -19.13 -0.31
CA ASN A 178 12.71 -18.44 -1.57
C ASN A 178 11.77 -17.25 -1.36
N LEU A 179 10.75 -17.43 -0.50
CA LEU A 179 9.86 -16.32 -0.19
C LEU A 179 10.66 -15.14 0.37
N GLU A 180 11.52 -15.40 1.37
CA GLU A 180 12.30 -14.30 1.93
C GLU A 180 13.22 -13.69 0.88
N SER A 181 13.76 -14.50 -0.04
CA SER A 181 14.66 -13.96 -1.05
CA SER A 181 14.67 -13.95 -1.04
C SER A 181 13.93 -13.03 -2.02
N ILE A 182 12.69 -13.38 -2.39
CA ILE A 182 11.92 -12.50 -3.28
C ILE A 182 11.61 -11.18 -2.58
N ILE A 183 11.18 -11.25 -1.32
CA ILE A 183 10.90 -10.06 -0.52
C ILE A 183 12.14 -9.19 -0.42
N THR A 184 13.29 -9.82 -0.15
CA THR A 184 14.54 -9.08 -0.03
C THR A 184 14.91 -8.40 -1.35
N ASP A 185 14.86 -9.13 -2.45
CA ASP A 185 15.18 -8.52 -3.73
C ASP A 185 14.23 -7.36 -4.04
N PHE A 186 12.95 -7.55 -3.73
CA PHE A 186 11.95 -6.52 -3.99
C PHE A 186 12.22 -5.25 -3.18
N LEU A 187 12.39 -5.39 -1.87
CA LEU A 187 12.56 -4.18 -1.07
C LEU A 187 13.93 -3.56 -1.29
N ASN A 188 14.94 -4.36 -1.60
CA ASN A 188 16.22 -3.78 -2.03
C ASN A 188 16.06 -2.95 -3.30
N HIS A 189 15.25 -3.43 -4.24
CA HIS A 189 14.96 -2.68 -5.46
C HIS A 189 14.34 -1.32 -5.16
N LEU A 190 13.44 -1.26 -4.17
CA LEU A 190 12.80 0.00 -3.79
C LEU A 190 13.65 0.81 -2.82
N GLY A 191 14.75 0.27 -2.31
CA GLY A 191 15.60 1.00 -1.38
C GLY A 191 15.03 1.13 0.03
N ILE A 192 14.28 0.14 0.51
CA ILE A 192 13.63 0.17 1.81
C ILE A 192 14.25 -0.89 2.70
N ASP A 193 14.77 -0.46 3.85
CA ASP A 193 15.27 -1.38 4.87
C ASP A 193 14.12 -2.08 5.59
N PHE A 194 14.37 -3.31 6.03
CA PHE A 194 13.32 -4.05 6.71
C PHE A 194 13.91 -5.18 7.55
N LYS A 195 13.04 -5.75 8.39
CA LYS A 195 13.30 -7.02 9.06
C LYS A 195 12.09 -7.93 8.95
N ILE A 196 12.28 -9.22 9.18
CA ILE A 196 11.19 -10.20 9.17
C ILE A 196 10.93 -10.67 10.60
N VAL A 197 9.66 -10.68 11.00
CA VAL A 197 9.26 -11.17 12.33
C VAL A 197 8.17 -12.22 12.19
N GLY A 198 8.06 -13.07 13.22
CA GLY A 198 6.99 -14.06 13.27
C GLY A 198 5.70 -13.44 13.80
N ASP A 199 4.61 -13.70 13.10
CA ASP A 199 3.29 -13.22 13.52
C ASP A 199 2.25 -14.29 13.21
N SER A 200 0.98 -13.93 13.34
CA SER A 200 -0.13 -14.84 13.05
C SER A 200 -1.38 -14.03 12.76
N CYS A 201 -2.30 -14.64 12.02
CA CYS A 201 -3.62 -14.07 11.82
C CYS A 201 -4.61 -15.20 11.62
N MET A 202 -5.91 -14.85 11.67
CA MET A 202 -6.97 -15.85 11.65
C MET A 202 -7.22 -16.44 10.27
N VAL A 203 -6.85 -15.73 9.20
CA VAL A 203 -7.11 -16.24 7.86
C VAL A 203 -6.06 -17.28 7.48
N PHE A 204 -4.78 -16.95 7.63
CA PHE A 204 -3.72 -17.81 7.15
C PHE A 204 -2.94 -18.53 8.25
N GLY A 205 -3.08 -18.12 9.49
CA GLY A 205 -2.39 -18.79 10.60
C GLY A 205 -1.03 -18.15 10.88
N ASP A 206 0.03 -18.95 10.75
CA ASP A 206 1.38 -18.43 10.91
C ASP A 206 1.73 -17.53 9.73
N THR A 207 2.27 -16.35 10.02
CA THR A 207 2.73 -15.47 8.96
C THR A 207 4.12 -14.96 9.30
N LEU A 208 4.85 -14.59 8.26
CA LEU A 208 6.00 -13.72 8.44
C LEU A 208 5.45 -12.32 8.31
N ASP A 209 5.90 -11.41 9.18
CA ASP A 209 5.61 -10.00 8.96
C ASP A 209 6.89 -9.30 8.52
N VAL A 210 6.77 -8.47 7.48
CA VAL A 210 7.88 -7.68 6.97
C VAL A 210 7.75 -6.29 7.59
N MET A 211 8.72 -5.89 8.40
CA MET A 211 8.60 -4.69 9.22
C MET A 211 9.63 -3.65 8.83
N HIS A 212 9.21 -2.40 8.80
CA HIS A 212 10.14 -1.27 8.71
C HIS A 212 9.95 -0.52 10.02
N GLY A 213 10.87 -0.71 10.96
CA GLY A 213 10.60 -0.21 12.30
C GLY A 213 9.32 -0.84 12.84
N ASP A 214 8.42 -0.01 13.37
CA ASP A 214 7.16 -0.53 13.90
C ASP A 214 6.07 -0.58 12.84
N LEU A 215 6.39 -0.27 11.59
CA LEU A 215 5.40 -0.23 10.50
C LEU A 215 5.43 -1.55 9.73
N GLU A 216 4.28 -2.22 9.67
CA GLU A 216 4.15 -3.46 8.90
C GLU A 216 4.03 -3.13 7.43
N LEU A 217 5.03 -3.53 6.63
CA LEU A 217 4.92 -3.38 5.18
C LEU A 217 4.18 -4.54 4.53
N SER A 218 4.32 -5.76 5.07
CA SER A 218 3.76 -6.92 4.39
C SER A 218 3.47 -8.01 5.41
N SER A 219 2.44 -8.79 5.10
CA SER A 219 2.23 -10.14 5.64
C SER A 219 2.50 -11.17 4.57
N ALA A 220 3.25 -12.23 4.91
CA ALA A 220 3.63 -13.26 3.94
C ALA A 220 3.37 -14.63 4.54
N VAL A 221 3.12 -15.60 3.66
CA VAL A 221 2.71 -16.94 4.07
C VAL A 221 3.42 -18.01 3.28
N VAL A 222 3.86 -19.08 3.96
CA VAL A 222 4.34 -20.31 3.34
C VAL A 222 3.25 -21.37 3.52
N GLY A 223 2.66 -21.79 2.40
CA GLY A 223 1.66 -22.84 2.41
C GLY A 223 2.36 -24.18 2.41
N PRO A 224 1.59 -25.27 2.35
CA PRO A 224 0.13 -25.36 2.35
C PRO A 224 -0.48 -24.93 3.67
N ILE A 225 -1.72 -24.46 3.67
CA ILE A 225 -2.51 -24.21 4.87
C ILE A 225 -3.86 -24.91 4.71
N PRO A 226 -4.53 -25.19 5.82
CA PRO A 226 -5.79 -25.95 5.72
C PRO A 226 -6.83 -25.29 4.84
N LEU A 227 -6.83 -23.96 4.76
CA LEU A 227 -7.76 -23.24 3.90
C LEU A 227 -7.63 -23.64 2.43
N ASP A 228 -6.48 -24.20 2.01
CA ASP A 228 -6.28 -24.55 0.62
C ASP A 228 -7.40 -25.44 0.08
N ARG A 229 -7.85 -26.39 0.89
CA ARG A 229 -8.82 -27.36 0.38
C ARG A 229 -10.09 -26.67 -0.09
N GLU A 230 -10.51 -25.61 0.62
CA GLU A 230 -11.72 -24.87 0.26
C GLU A 230 -11.59 -24.10 -1.04
N TRP A 231 -10.37 -23.92 -1.54
CA TRP A 231 -10.14 -23.19 -2.77
C TRP A 231 -9.59 -24.10 -3.86
N GLY A 232 -9.55 -25.41 -3.65
CA GLY A 232 -9.03 -26.26 -4.68
C GLY A 232 -7.53 -26.15 -4.88
N ILE A 233 -6.82 -25.59 -3.91
CA ILE A 233 -5.36 -25.50 -3.98
C ILE A 233 -4.77 -26.73 -3.31
N ASP A 234 -3.93 -27.45 -4.05
CA ASP A 234 -3.42 -28.75 -3.60
C ASP A 234 -1.96 -28.94 -3.96
N LYS A 235 -1.20 -27.86 -3.92
CA LYS A 235 0.23 -27.88 -4.11
C LYS A 235 0.85 -26.88 -3.14
N PRO A 236 2.15 -26.99 -2.89
CA PRO A 236 2.83 -25.98 -2.06
C PRO A 236 2.71 -24.61 -2.71
N TRP A 237 2.72 -23.57 -1.87
CA TRP A 237 2.61 -22.21 -2.40
C TRP A 237 3.27 -21.26 -1.41
N ILE A 238 3.64 -20.07 -1.92
CA ILE A 238 4.12 -18.98 -1.09
C ILE A 238 3.49 -17.70 -1.61
N GLY A 239 3.40 -16.70 -0.75
CA GLY A 239 2.89 -15.41 -1.22
C GLY A 239 3.04 -14.33 -0.19
N ALA A 240 2.90 -13.08 -0.65
CA ALA A 240 3.02 -11.94 0.25
C ALA A 240 2.16 -10.81 -0.26
N GLY A 241 1.58 -10.06 0.68
CA GLY A 241 0.85 -8.83 0.36
C GLY A 241 1.50 -7.60 0.96
N PHE A 242 1.60 -6.54 0.16
CA PHE A 242 2.21 -5.27 0.55
C PHE A 242 1.24 -4.15 0.27
N GLY A 243 1.17 -3.17 1.17
CA GLY A 243 0.40 -1.99 0.85
C GLY A 243 1.27 -0.90 0.22
N LEU A 244 0.87 -0.42 -0.96
CA LEU A 244 1.69 0.56 -1.66
C LEU A 244 1.75 1.90 -0.93
N GLU A 245 0.65 2.31 -0.30
CA GLU A 245 0.70 3.60 0.41
C GLU A 245 1.68 3.54 1.58
N ARG A 246 1.83 2.36 2.22
CA ARG A 246 2.85 2.26 3.26
C ARG A 246 4.25 2.33 2.66
N LEU A 247 4.47 1.68 1.52
CA LEU A 247 5.75 1.85 0.86
C LEU A 247 6.04 3.33 0.56
N LEU A 248 5.05 4.05 0.01
CA LEU A 248 5.24 5.46 -0.30
C LEU A 248 5.50 6.26 0.96
N LYS A 249 4.76 5.95 2.05
CA LYS A 249 5.01 6.62 3.34
C LYS A 249 6.47 6.50 3.76
N VAL A 250 7.06 5.32 3.60
CA VAL A 250 8.45 5.15 4.01
C VAL A 250 9.36 5.89 3.05
N LYS A 251 9.13 5.73 1.75
CA LYS A 251 9.98 6.31 0.73
C LYS A 251 10.04 7.83 0.84
N HIS A 252 8.93 8.46 1.17
CA HIS A 252 8.86 9.92 1.18
C HIS A 252 8.82 10.51 2.59
N ASP A 253 8.94 9.68 3.61
N ASP A 253 8.94 9.68 3.62
CA ASP A 253 8.98 10.13 5.00
CA ASP A 253 8.98 10.14 5.01
C ASP A 253 7.71 10.91 5.38
C ASP A 253 7.70 10.87 5.41
N PHE A 254 6.56 10.46 4.87
CA PHE A 254 5.30 11.08 5.27
C PHE A 254 4.99 10.76 6.72
N LYS A 255 4.49 11.77 7.45
CA LYS A 255 4.04 11.55 8.81
C LYS A 255 2.73 10.78 8.85
N ASN A 256 1.81 11.08 7.94
CA ASN A 256 0.49 10.47 7.90
CA ASN A 256 0.53 10.41 7.92
C ASN A 256 0.30 9.77 6.55
N ILE A 257 -0.26 8.57 6.59
CA ILE A 257 -0.43 7.79 5.38
C ILE A 257 -1.44 8.43 4.44
N LYS A 258 -2.26 9.35 4.94
CA LYS A 258 -3.22 10.01 4.07
C LYS A 258 -2.55 10.78 2.96
N ARG A 259 -1.29 11.19 3.15
CA ARG A 259 -0.54 11.89 2.11
C ARG A 259 -0.32 11.05 0.89
N ALA A 260 -0.35 9.73 1.06
CA ALA A 260 -0.03 8.79 0.00
C ALA A 260 -1.25 8.28 -0.73
N ALA A 261 -2.44 8.47 -0.17
CA ALA A 261 -3.69 7.85 -0.61
C ALA A 261 -4.25 8.51 -1.86
N ARG A 262 -5.06 7.74 -2.58
CA ARG A 262 -5.96 8.35 -3.55
C ARG A 262 -6.74 9.43 -2.84
N SER A 263 -6.78 10.60 -3.45
CA SER A 263 -7.40 11.66 -2.70
C SER A 263 -7.54 12.84 -3.65
N GLY A 264 -8.43 13.75 -3.30
CA GLY A 264 -8.43 15.04 -3.94
C GLY A 264 -7.76 16.09 -3.10
N SER A 265 -7.26 15.72 -1.92
CA SER A 265 -6.68 16.68 -0.98
CA SER A 265 -6.68 16.68 -0.98
C SER A 265 -5.16 16.77 -1.04
N TYR A 266 -4.48 15.78 -1.65
CA TYR A 266 -3.04 15.80 -1.81
C TYR A 266 -2.69 15.26 -3.17
N TYR A 267 -1.75 15.91 -3.84
CA TYR A 267 -1.19 15.39 -5.10
C TYR A 267 0.29 15.09 -4.83
N ASN A 268 0.68 13.81 -4.87
CA ASN A 268 2.08 13.45 -4.61
C ASN A 268 2.56 14.05 -3.28
N GLY A 269 1.66 14.01 -2.31
CA GLY A 269 1.92 14.46 -0.96
C GLY A 269 1.87 15.96 -0.77
N ILE A 270 1.46 16.71 -1.79
CA ILE A 270 1.40 18.18 -1.72
C ILE A 270 -0.06 18.56 -1.57
N SER A 271 -0.37 19.42 -0.59
CA SER A 271 -1.74 19.86 -0.44
C SER A 271 -2.26 20.45 -1.74
N THR A 272 -3.50 20.09 -2.09
CA THR A 272 -4.17 20.72 -3.22
C THR A 272 -5.01 21.92 -2.83
N ASN A 273 -4.99 22.31 -1.54
CA ASN A 273 -5.76 23.45 -1.07
C ASN A 273 -4.81 24.64 -0.94
N LEU A 274 -4.59 25.31 -2.07
CA LEU A 274 -3.56 26.33 -2.23
C LEU A 274 -4.14 27.66 -2.70
#